data_1JBV
#
_entry.id   1JBV
#
_cell.length_a   53.1
_cell.length_b   45.0
_cell.length_c   84.3
_cell.angle_alpha   90.0
_cell.angle_beta   107.1
_cell.angle_gamma   90.0
#
_symmetry.space_group_name_H-M   'P 1 21 1'
#
loop_
_entity.id
_entity.type
_entity.pdbx_description
1 polymer 'FOLYLPOLYGLUTAMATE SYNTHASE'
2 non-polymer 'MAGNESIUM ION'
3 non-polymer 'PHOSPHOMETHYLPHOSPHONIC ACID ADENYLATE ESTER'
4 water water
#
_entity_poly.entity_id   1
_entity_poly.type   'polypeptide(L)'
_entity_poly.pdbx_seq_one_letter_code
;MNYTETVAYIHSFPRLAKTGDHRRILTLLHALGNPQQQGRYIHVTGTNGKGSAANAIAHVLEASGLTVGLYTSPFIMRFN
ERIMIDHEPIPDAALVNAVAFVRAALERLQQQQADFNVTEFEFITALAYWYFRQRQVDVAVIEVGIGGDTDSTNVITPVV
SVLTEVALDHQKLLGHTITAIAKH(KCX)AGIIKRGIPVVTGNLVPDAAAVVAAKVATTGSQWLRFDRDFSVPKAKLHGW
GQRFTYEDQDGRISDLEVPLVGDYQQRNMAIAIQTAKVYAKQTEWPLTPQNIRQGLAASHWPARLEKISDTPLIVIDGAH
NPDGINGLITALKQLFSQPITVIAGILADKDYAAMADRLTAAFSTVYLVPVPGTPRALPEAGYEALHEGRLKDSWQEALA
ASLNDVPDQPIVITGSLYLASAVRQTLLGGKS
;
_entity_poly.pdbx_strand_id   A
#
# COMPACT_ATOMS: atom_id res chain seq x y z
N MET A 1 -9.85 -8.44 -27.34
CA MET A 1 -10.75 -8.69 -26.18
C MET A 1 -11.40 -7.41 -25.66
N ASN A 2 -12.48 -7.54 -24.91
CA ASN A 2 -13.13 -6.38 -24.34
C ASN A 2 -12.55 -6.21 -22.95
N TYR A 3 -13.03 -5.20 -22.21
CA TYR A 3 -12.50 -4.95 -20.89
C TYR A 3 -12.60 -6.12 -19.92
N THR A 4 -13.78 -6.74 -19.85
CA THR A 4 -13.98 -7.86 -18.95
C THR A 4 -13.12 -9.07 -19.32
N GLU A 5 -12.95 -9.30 -20.61
CA GLU A 5 -12.13 -10.43 -21.04
C GLU A 5 -10.66 -10.11 -20.76
N THR A 6 -10.31 -8.84 -20.92
CA THR A 6 -8.95 -8.40 -20.67
C THR A 6 -8.52 -8.64 -19.22
N VAL A 7 -9.37 -8.27 -18.27
CA VAL A 7 -9.09 -8.47 -16.85
C VAL A 7 -8.99 -9.97 -16.55
N ALA A 8 -9.89 -10.74 -17.15
CA ALA A 8 -9.91 -12.18 -16.98
C ALA A 8 -8.61 -12.73 -17.53
N TYR A 9 -8.19 -12.18 -18.65
CA TYR A 9 -6.94 -12.58 -19.29
C TYR A 9 -5.81 -12.37 -18.27
N ILE A 10 -5.69 -11.17 -17.74
CA ILE A 10 -4.63 -10.91 -16.77
C ILE A 10 -4.62 -11.94 -15.63
N HIS A 11 -5.79 -12.24 -15.08
CA HIS A 11 -5.86 -13.18 -13.96
C HIS A 11 -5.76 -14.66 -14.30
N SER A 12 -5.59 -14.97 -15.58
CA SER A 12 -5.46 -16.36 -16.01
C SER A 12 -4.00 -16.80 -16.00
N PHE A 13 -3.07 -15.85 -15.84
CA PHE A 13 -1.66 -16.19 -15.83
C PHE A 13 -1.31 -17.02 -14.62
N PRO A 14 -0.25 -17.82 -14.72
CA PRO A 14 0.20 -18.66 -13.62
C PRO A 14 1.16 -17.85 -12.74
N GLY A 20 14.03 -18.34 -10.38
CA GLY A 20 13.67 -17.35 -9.37
C GLY A 20 14.12 -15.93 -9.69
N ASP A 21 15.10 -15.79 -10.58
CA ASP A 21 15.61 -14.47 -10.95
C ASP A 21 14.58 -13.69 -11.78
N HIS A 22 15.03 -12.61 -12.39
CA HIS A 22 14.14 -11.74 -13.18
C HIS A 22 14.19 -11.99 -14.68
N ARG A 23 14.74 -13.10 -15.12
CA ARG A 23 14.87 -13.32 -16.56
C ARG A 23 13.57 -13.28 -17.33
N ARG A 24 12.52 -13.86 -16.78
CA ARG A 24 11.23 -13.87 -17.46
C ARG A 24 10.69 -12.48 -17.69
N ILE A 25 10.57 -11.70 -16.62
CA ILE A 25 10.03 -10.36 -16.80
C ILE A 25 10.95 -9.49 -17.67
N LEU A 26 12.27 -9.59 -17.49
CA LEU A 26 13.20 -8.83 -18.31
C LEU A 26 13.06 -9.20 -19.79
N THR A 27 12.74 -10.45 -20.08
CA THR A 27 12.58 -10.81 -21.48
C THR A 27 11.37 -10.09 -22.04
N LEU A 28 10.30 -10.03 -21.25
CA LEU A 28 9.09 -9.36 -21.68
C LEU A 28 9.35 -7.88 -21.80
N LEU A 29 10.03 -7.32 -20.82
CA LEU A 29 10.32 -5.88 -20.84
C LEU A 29 11.19 -5.52 -22.02
N HIS A 30 12.13 -6.38 -22.36
CA HIS A 30 13.00 -6.11 -23.50
C HIS A 30 12.16 -6.02 -24.77
N ALA A 31 11.18 -6.90 -24.91
CA ALA A 31 10.30 -6.88 -26.09
C ALA A 31 9.42 -5.63 -26.06
N LEU A 32 9.22 -5.06 -24.89
CA LEU A 32 8.41 -3.83 -24.76
C LEU A 32 9.29 -2.58 -24.85
N GLY A 33 10.55 -2.74 -25.20
CA GLY A 33 11.42 -1.58 -25.33
C GLY A 33 12.02 -1.11 -24.02
N ASN A 34 12.12 -2.02 -23.05
CA ASN A 34 12.71 -1.72 -21.75
C ASN A 34 12.27 -0.41 -21.13
N PRO A 35 10.95 -0.22 -20.95
CA PRO A 35 10.46 1.03 -20.36
C PRO A 35 10.98 1.24 -18.93
N GLN A 36 11.31 0.16 -18.24
CA GLN A 36 11.81 0.27 -16.86
C GLN A 36 13.16 1.00 -16.76
N GLN A 37 13.87 1.11 -17.88
CA GLN A 37 15.17 1.78 -17.86
C GLN A 37 15.05 3.28 -18.05
N GLN A 38 13.87 3.73 -18.46
CA GLN A 38 13.61 5.14 -18.73
C GLN A 38 12.82 5.79 -17.60
N GLY A 39 12.93 7.11 -17.48
CA GLY A 39 12.21 7.83 -16.45
C GLY A 39 12.76 7.68 -15.04
N ARG A 40 11.96 8.06 -14.05
CA ARG A 40 12.37 8.02 -12.67
C ARG A 40 11.40 7.25 -11.82
N TYR A 41 11.90 6.70 -10.71
CA TYR A 41 11.08 5.88 -9.83
C TYR A 41 11.42 6.09 -8.35
N ILE A 42 10.47 5.73 -7.48
CA ILE A 42 10.66 5.71 -6.04
C ILE A 42 10.19 4.29 -5.76
N HIS A 43 11.05 3.48 -5.14
CA HIS A 43 10.77 2.06 -4.87
C HIS A 43 10.45 1.88 -3.40
N VAL A 44 9.27 1.32 -3.11
CA VAL A 44 8.82 1.18 -1.72
C VAL A 44 8.54 -0.26 -1.31
N THR A 45 9.14 -0.69 -0.20
CA THR A 45 8.87 -2.02 0.29
C THR A 45 8.70 -1.91 1.80
N GLY A 46 8.38 -3.04 2.43
CA GLY A 46 8.17 -3.04 3.86
C GLY A 46 7.09 -4.07 4.14
N THR A 47 7.14 -4.70 5.31
CA THR A 47 6.13 -5.72 5.63
C THR A 47 4.73 -5.13 5.73
N ASN A 48 4.63 -3.97 6.37
CA ASN A 48 3.40 -3.23 6.54
C ASN A 48 3.67 -1.75 6.27
N GLY A 49 2.70 -1.05 5.70
CA GLY A 49 2.90 0.38 5.49
C GLY A 49 3.36 0.84 4.13
N LYS A 50 3.66 -0.08 3.22
CA LYS A 50 4.13 0.37 1.92
C LYS A 50 3.06 1.09 1.12
N GLY A 51 1.83 0.58 1.11
CA GLY A 51 0.77 1.23 0.34
C GLY A 51 0.50 2.63 0.87
N SER A 52 0.48 2.74 2.19
CA SER A 52 0.24 4.00 2.87
C SER A 52 1.34 5.03 2.54
N ALA A 53 2.58 4.62 2.72
CA ALA A 53 3.69 5.55 2.44
C ALA A 53 3.67 5.94 0.97
N ALA A 54 3.56 4.95 0.08
CA ALA A 54 3.55 5.20 -1.35
C ALA A 54 2.44 6.17 -1.78
N ASN A 55 1.24 5.96 -1.25
CA ASN A 55 0.09 6.81 -1.53
C ASN A 55 0.36 8.26 -1.13
N ALA A 56 0.94 8.45 0.06
CA ALA A 56 1.25 9.80 0.55
C ALA A 56 2.38 10.47 -0.25
N ILE A 57 3.40 9.69 -0.59
CA ILE A 57 4.50 10.25 -1.38
C ILE A 57 3.89 10.79 -2.69
N ALA A 58 3.01 9.99 -3.29
CA ALA A 58 2.40 10.40 -4.55
C ALA A 58 1.61 11.70 -4.40
N HIS A 59 0.75 11.78 -3.39
CA HIS A 59 -0.07 12.97 -3.17
C HIS A 59 0.77 14.22 -3.01
N VAL A 60 1.85 14.08 -2.23
CA VAL A 60 2.77 15.19 -1.97
C VAL A 60 3.46 15.63 -3.25
N LEU A 61 4.02 14.69 -3.99
CA LEU A 61 4.70 15.05 -5.24
C LEU A 61 3.71 15.58 -6.27
N GLU A 62 2.47 15.06 -6.26
CA GLU A 62 1.48 15.56 -7.21
C GLU A 62 1.15 17.01 -6.87
N ALA A 63 1.06 17.31 -5.59
CA ALA A 63 0.75 18.68 -5.17
C ALA A 63 1.89 19.63 -5.55
N SER A 64 3.11 19.12 -5.68
CA SER A 64 4.24 19.97 -6.04
C SER A 64 4.27 20.28 -7.53
N GLY A 65 3.38 19.65 -8.31
CA GLY A 65 3.30 19.87 -9.74
C GLY A 65 3.83 18.77 -10.64
N LEU A 66 4.13 17.60 -10.08
CA LEU A 66 4.64 16.50 -10.91
C LEU A 66 3.52 15.56 -11.31
N THR A 67 3.67 14.90 -12.46
CA THR A 67 2.69 13.90 -12.89
C THR A 67 3.29 12.59 -12.35
N VAL A 68 2.52 11.95 -11.49
CA VAL A 68 2.95 10.77 -10.75
C VAL A 68 2.25 9.45 -11.01
N GLY A 69 3.03 8.45 -11.39
CA GLY A 69 2.50 7.12 -11.61
C GLY A 69 2.53 6.47 -10.24
N LEU A 70 1.53 5.65 -9.94
CA LEU A 70 1.46 4.93 -8.65
C LEU A 70 0.97 3.51 -8.94
N TYR A 71 1.80 2.54 -8.54
CA TYR A 71 1.54 1.13 -8.76
C TYR A 71 1.42 0.48 -7.38
N THR A 72 0.21 0.05 -7.04
CA THR A 72 -0.06 -0.53 -5.72
C THR A 72 -0.84 -1.83 -5.77
N SER A 73 -0.81 -2.53 -4.65
CA SER A 73 -1.53 -3.79 -4.51
C SER A 73 -1.95 -3.99 -3.07
N PRO A 74 -3.16 -4.54 -2.85
CA PRO A 74 -4.12 -4.93 -3.89
C PRO A 74 -5.06 -3.78 -4.25
N PHE A 75 -6.03 -4.05 -5.11
CA PHE A 75 -7.00 -3.02 -5.44
C PHE A 75 -8.13 -3.11 -4.41
N ILE A 76 -8.90 -2.05 -4.29
CA ILE A 76 -10.01 -2.04 -3.34
C ILE A 76 -11.34 -2.11 -4.08
N MET A 77 -11.60 -1.17 -4.99
CA MET A 77 -12.86 -1.16 -5.72
C MET A 77 -12.81 -1.98 -7.01
N ARG A 78 -11.81 -1.74 -7.84
CA ARG A 78 -11.68 -2.49 -9.07
C ARG A 78 -10.22 -2.54 -9.50
N PHE A 79 -9.89 -3.56 -10.28
CA PHE A 79 -8.54 -3.78 -10.75
C PHE A 79 -7.75 -2.54 -11.20
N ASN A 80 -8.39 -1.72 -12.02
CA ASN A 80 -7.76 -0.53 -12.56
C ASN A 80 -7.00 0.33 -11.54
N GLU A 81 -7.45 0.31 -10.29
CA GLU A 81 -6.81 1.10 -9.25
C GLU A 81 -5.35 0.80 -9.01
N ARG A 82 -4.91 -0.39 -9.40
CA ARG A 82 -3.52 -0.78 -9.21
C ARG A 82 -2.52 0.03 -10.05
N ILE A 83 -3.00 0.61 -11.15
CA ILE A 83 -2.14 1.44 -12.00
C ILE A 83 -2.80 2.83 -12.11
N MET A 84 -2.25 3.80 -11.38
CA MET A 84 -2.80 5.17 -11.40
C MET A 84 -1.81 6.21 -11.88
N ILE A 85 -2.34 7.33 -12.36
CA ILE A 85 -1.50 8.44 -12.77
C ILE A 85 -2.25 9.61 -12.13
N ASP A 86 -1.61 10.29 -11.18
CA ASP A 86 -2.23 11.38 -10.43
C ASP A 86 -3.51 10.85 -9.82
N HIS A 87 -3.40 9.66 -9.22
CA HIS A 87 -4.53 8.99 -8.56
C HIS A 87 -5.75 8.70 -9.40
N GLU A 88 -5.57 8.70 -10.71
CA GLU A 88 -6.66 8.34 -11.62
C GLU A 88 -6.37 6.93 -12.13
N PRO A 89 -7.26 5.97 -11.87
CA PRO A 89 -7.00 4.61 -12.36
C PRO A 89 -6.90 4.54 -13.88
N ILE A 90 -6.09 3.62 -14.39
CA ILE A 90 -6.00 3.49 -15.83
C ILE A 90 -7.43 3.28 -16.36
N PRO A 91 -7.84 4.06 -17.39
CA PRO A 91 -9.19 3.90 -17.94
C PRO A 91 -9.41 2.50 -18.54
N ASP A 92 -10.65 2.03 -18.51
CA ASP A 92 -11.00 0.72 -19.04
C ASP A 92 -10.47 0.50 -20.44
N ALA A 93 -10.72 1.45 -21.33
CA ALA A 93 -10.27 1.34 -22.71
C ALA A 93 -8.76 1.36 -22.81
N ALA A 94 -8.11 2.11 -21.92
CA ALA A 94 -6.64 2.18 -21.95
C ALA A 94 -6.06 0.82 -21.53
N LEU A 95 -6.71 0.17 -20.56
CA LEU A 95 -6.28 -1.15 -20.08
C LEU A 95 -6.39 -2.16 -21.21
N VAL A 96 -7.51 -2.15 -21.93
CA VAL A 96 -7.72 -3.06 -23.05
C VAL A 96 -6.58 -2.93 -24.07
N ASN A 97 -6.28 -1.70 -24.46
CA ASN A 97 -5.22 -1.43 -25.43
C ASN A 97 -3.84 -1.86 -24.93
N ALA A 98 -3.55 -1.58 -23.67
CA ALA A 98 -2.26 -1.94 -23.09
C ALA A 98 -2.14 -3.46 -23.00
N VAL A 99 -3.19 -4.13 -22.55
CA VAL A 99 -3.15 -5.58 -22.46
C VAL A 99 -2.93 -6.16 -23.86
N ALA A 100 -3.62 -5.60 -24.86
CA ALA A 100 -3.45 -6.09 -26.22
C ALA A 100 -2.00 -5.94 -26.64
N PHE A 101 -1.41 -4.79 -26.35
CA PHE A 101 -0.02 -4.54 -26.73
C PHE A 101 0.95 -5.51 -26.03
N VAL A 102 0.78 -5.70 -24.73
CA VAL A 102 1.68 -6.61 -24.01
C VAL A 102 1.41 -8.05 -24.45
N ARG A 103 0.15 -8.41 -24.67
CA ARG A 103 -0.17 -9.76 -25.12
C ARG A 103 0.51 -10.07 -26.45
N ALA A 104 0.44 -9.13 -27.37
CA ALA A 104 1.06 -9.31 -28.69
C ALA A 104 2.58 -9.55 -28.55
N ALA A 105 3.22 -8.81 -27.67
CA ALA A 105 4.66 -8.98 -27.47
C ALA A 105 4.90 -10.36 -26.84
N LEU A 106 4.06 -10.72 -25.89
CA LEU A 106 4.17 -12.02 -25.21
C LEU A 106 4.08 -13.14 -26.25
N GLU A 107 3.02 -13.09 -27.06
CA GLU A 107 2.78 -14.11 -28.06
C GLU A 107 3.89 -14.21 -29.09
N ARG A 108 4.43 -13.07 -29.46
CA ARG A 108 5.52 -13.01 -30.43
C ARG A 108 6.70 -13.74 -29.79
N LEU A 109 6.94 -13.45 -28.50
CA LEU A 109 8.03 -14.08 -27.75
C LEU A 109 7.83 -15.59 -27.68
N GLN A 110 6.59 -16.00 -27.48
CA GLN A 110 6.27 -17.41 -27.41
C GLN A 110 6.45 -18.14 -28.74
N GLN A 111 6.66 -17.39 -29.82
CA GLN A 111 6.90 -17.97 -31.14
C GLN A 111 8.39 -18.35 -31.19
N GLN A 112 9.23 -17.44 -30.68
CA GLN A 112 10.66 -17.64 -30.64
C GLN A 112 11.07 -18.70 -29.63
N GLN A 113 10.47 -18.66 -28.45
CA GLN A 113 10.79 -19.64 -27.41
C GLN A 113 9.50 -20.31 -26.95
N ALA A 114 9.21 -21.44 -27.57
CA ALA A 114 8.01 -22.25 -27.34
C ALA A 114 7.35 -22.17 -25.96
N ASP A 115 8.06 -22.57 -24.91
CA ASP A 115 7.43 -22.54 -23.59
C ASP A 115 7.67 -21.31 -22.71
N PHE A 116 7.81 -20.14 -23.32
CA PHE A 116 8.02 -18.92 -22.56
C PHE A 116 6.70 -18.55 -21.85
N ASN A 117 6.79 -18.06 -20.62
CA ASN A 117 5.62 -17.66 -19.81
C ASN A 117 6.06 -16.66 -18.75
N VAL A 118 5.10 -15.91 -18.21
CA VAL A 118 5.39 -14.99 -17.12
C VAL A 118 4.25 -15.19 -16.16
N THR A 119 4.45 -14.78 -14.92
CA THR A 119 3.43 -14.89 -13.90
C THR A 119 2.47 -13.72 -14.06
N GLU A 120 1.39 -13.74 -13.30
CA GLU A 120 0.41 -12.70 -13.34
C GLU A 120 1.06 -11.38 -12.89
N PHE A 121 1.74 -11.40 -11.76
CA PHE A 121 2.35 -10.16 -11.29
C PHE A 121 3.41 -9.66 -12.28
N GLU A 122 4.07 -10.59 -12.96
CA GLU A 122 5.08 -10.18 -13.92
C GLU A 122 4.44 -9.48 -15.11
N PHE A 123 3.32 -10.01 -15.61
CA PHE A 123 2.61 -9.40 -16.75
C PHE A 123 2.12 -7.99 -16.38
N ILE A 124 1.44 -7.88 -15.24
CA ILE A 124 0.91 -6.59 -14.81
C ILE A 124 2.01 -5.56 -14.57
N THR A 125 3.10 -6.02 -13.96
CA THR A 125 4.23 -5.12 -13.65
C THR A 125 4.88 -4.61 -14.93
N ALA A 126 5.07 -5.50 -15.88
CA ALA A 126 5.65 -5.12 -17.16
C ALA A 126 4.71 -4.10 -17.85
N LEU A 127 3.41 -4.38 -17.78
CA LEU A 127 2.42 -3.49 -18.40
C LEU A 127 2.41 -2.12 -17.71
N ALA A 128 2.51 -2.11 -16.39
CA ALA A 128 2.51 -0.84 -15.66
C ALA A 128 3.73 0.00 -16.04
N TYR A 129 4.90 -0.64 -16.10
CA TYR A 129 6.12 0.11 -16.46
C TYR A 129 5.98 0.67 -17.88
N TRP A 130 5.46 -0.14 -18.78
CA TRP A 130 5.29 0.31 -20.15
C TRP A 130 4.30 1.49 -20.20
N TYR A 131 3.18 1.34 -19.52
CA TYR A 131 2.16 2.37 -19.49
C TYR A 131 2.69 3.70 -18.91
N PHE A 132 3.39 3.61 -17.78
CA PHE A 132 3.92 4.81 -17.15
C PHE A 132 4.86 5.54 -18.10
N ARG A 133 5.60 4.78 -18.89
CA ARG A 133 6.52 5.41 -19.84
C ARG A 133 5.76 5.92 -21.04
N GLN A 134 4.72 5.20 -21.47
CA GLN A 134 3.94 5.68 -22.62
C GLN A 134 3.35 7.06 -22.30
N ARG A 135 2.85 7.20 -21.07
CA ARG A 135 2.24 8.46 -20.65
C ARG A 135 3.28 9.47 -20.16
N GLN A 136 4.55 9.08 -20.19
CA GLN A 136 5.68 9.88 -19.75
C GLN A 136 5.51 10.60 -18.41
N VAL A 137 5.14 9.85 -17.38
CA VAL A 137 5.01 10.41 -16.04
C VAL A 137 6.37 10.90 -15.60
N ASP A 138 6.37 11.91 -14.74
CA ASP A 138 7.63 12.46 -14.22
C ASP A 138 8.36 11.44 -13.35
N VAL A 139 7.56 10.73 -12.56
CA VAL A 139 8.10 9.70 -11.67
C VAL A 139 7.01 8.69 -11.38
N ALA A 140 7.40 7.45 -11.17
CA ALA A 140 6.46 6.40 -10.84
C ALA A 140 6.81 5.86 -9.44
N VAL A 141 5.82 5.82 -8.56
CA VAL A 141 6.02 5.31 -7.20
C VAL A 141 5.63 3.85 -7.28
N ILE A 142 6.61 2.99 -7.03
CA ILE A 142 6.41 1.55 -7.19
C ILE A 142 6.38 0.72 -5.93
N GLU A 143 5.24 0.13 -5.64
CA GLU A 143 5.11 -0.72 -4.46
C GLU A 143 5.56 -2.14 -4.80
N VAL A 144 6.51 -2.64 -4.02
CA VAL A 144 7.02 -4.01 -4.19
C VAL A 144 5.85 -4.96 -3.91
N GLY A 145 5.76 -6.07 -4.66
CA GLY A 145 4.68 -7.01 -4.39
C GLY A 145 4.93 -7.70 -3.04
N ILE A 146 6.05 -8.40 -2.95
CA ILE A 146 6.48 -9.13 -1.74
C ILE A 146 8.01 -9.11 -1.64
N GLY A 147 8.52 -8.80 -0.44
CA GLY A 147 9.95 -8.79 -0.20
C GLY A 147 10.73 -7.65 -0.80
N GLY A 148 11.56 -7.94 -1.80
CA GLY A 148 12.33 -6.89 -2.44
C GLY A 148 13.28 -7.39 -3.50
N ASP A 149 14.36 -7.99 -3.06
CA ASP A 149 15.38 -8.51 -3.94
C ASP A 149 14.84 -9.25 -5.17
N THR A 150 14.02 -10.26 -4.94
CA THR A 150 13.50 -11.03 -6.07
C THR A 150 12.06 -10.67 -6.43
N ASP A 151 11.57 -9.50 -6.00
CA ASP A 151 10.20 -9.14 -6.35
C ASP A 151 10.19 -8.76 -7.83
N SER A 152 9.12 -9.05 -8.54
CA SER A 152 9.03 -8.73 -9.96
C SER A 152 9.27 -7.25 -10.29
N THR A 153 9.02 -6.34 -9.33
CA THR A 153 9.23 -4.92 -9.64
C THR A 153 10.70 -4.51 -9.58
N ASN A 154 11.55 -5.39 -9.04
CA ASN A 154 12.95 -5.03 -8.85
C ASN A 154 13.86 -5.14 -10.07
N VAL A 155 13.54 -4.33 -11.07
CA VAL A 155 14.30 -4.26 -12.32
C VAL A 155 14.50 -2.79 -12.65
N ILE A 156 14.44 -1.94 -11.63
CA ILE A 156 14.61 -0.51 -11.81
C ILE A 156 15.70 0.04 -10.89
N THR A 157 16.17 1.23 -11.22
CA THR A 157 17.13 1.93 -10.36
C THR A 157 16.35 3.17 -10.00
N PRO A 158 15.91 3.27 -8.75
CA PRO A 158 15.12 4.46 -8.36
C PRO A 158 15.97 5.66 -7.94
N VAL A 159 15.28 6.78 -7.66
CA VAL A 159 15.91 8.01 -7.20
C VAL A 159 16.09 7.84 -5.71
N VAL A 160 15.17 7.10 -5.09
CA VAL A 160 15.23 6.84 -3.66
C VAL A 160 14.47 5.56 -3.35
N SER A 161 14.91 4.83 -2.32
CA SER A 161 14.24 3.59 -1.93
C SER A 161 13.62 3.81 -0.56
N VAL A 162 12.59 3.03 -0.26
CA VAL A 162 11.90 3.17 1.03
C VAL A 162 11.70 1.79 1.65
N LEU A 163 12.00 1.65 2.95
CA LEU A 163 11.78 0.39 3.64
C LEU A 163 11.03 0.77 4.92
N THR A 164 9.71 0.66 4.89
CA THR A 164 8.89 1.09 6.03
C THR A 164 9.12 0.28 7.28
N GLU A 165 9.09 -1.04 7.14
CA GLU A 165 9.28 -1.86 8.31
C GLU A 165 9.42 -3.32 7.93
N VAL A 166 10.04 -4.10 8.83
CA VAL A 166 10.22 -5.53 8.61
C VAL A 166 9.54 -6.33 9.74
N ALA A 167 8.64 -7.23 9.35
CA ALA A 167 7.94 -8.08 10.31
C ALA A 167 7.79 -9.48 9.70
N LEU A 168 7.29 -10.44 10.48
CA LEU A 168 7.14 -11.83 10.05
C LEU A 168 5.98 -12.21 9.12
N ASP A 169 5.17 -11.24 8.73
CA ASP A 169 4.00 -11.50 7.87
C ASP A 169 4.14 -12.46 6.68
N HIS A 170 5.27 -12.47 5.99
CA HIS A 170 5.45 -13.35 4.81
C HIS A 170 6.48 -14.46 4.99
N GLN A 171 6.59 -14.95 6.21
CA GLN A 171 7.55 -15.99 6.53
C GLN A 171 7.66 -17.12 5.51
N LYS A 172 6.51 -17.62 5.05
CA LYS A 172 6.49 -18.74 4.11
C LYS A 172 7.21 -18.53 2.80
N LEU A 173 7.49 -17.28 2.45
CA LEU A 173 8.17 -17.02 1.18
C LEU A 173 9.50 -16.34 1.35
N LEU A 174 9.60 -15.47 2.35
CA LEU A 174 10.81 -14.71 2.57
C LEU A 174 11.83 -15.29 3.55
N GLY A 175 11.38 -16.16 4.44
CA GLY A 175 12.30 -16.72 5.41
C GLY A 175 11.71 -16.77 6.80
N HIS A 176 12.39 -17.49 7.68
CA HIS A 176 11.94 -17.67 9.05
C HIS A 176 12.31 -16.62 10.09
N THR A 177 13.33 -15.80 9.82
CA THR A 177 13.75 -14.81 10.79
C THR A 177 13.65 -13.38 10.27
N ILE A 178 13.70 -12.40 11.16
CA ILE A 178 13.63 -11.01 10.71
C ILE A 178 14.83 -10.75 9.81
N THR A 179 15.99 -11.30 10.20
CA THR A 179 17.20 -11.10 9.41
C THR A 179 16.97 -11.58 7.97
N ALA A 180 16.45 -12.79 7.82
CA ALA A 180 16.19 -13.33 6.48
C ALA A 180 15.25 -12.44 5.67
N ILE A 181 14.16 -12.00 6.29
CA ILE A 181 13.19 -11.14 5.61
C ILE A 181 13.80 -9.77 5.29
N ALA A 182 14.60 -9.25 6.22
CA ALA A 182 15.26 -7.97 6.05
C ALA A 182 16.18 -8.01 4.82
N LYS A 183 16.88 -9.12 4.61
CA LYS A 183 17.76 -9.23 3.45
C LYS A 183 16.94 -9.10 2.16
N HIS A 184 15.73 -9.65 2.13
CA HIS A 184 14.91 -9.52 0.94
C HIS A 184 14.56 -8.03 0.72
N ALA A 186 16.01 -5.40 1.81
CA ALA A 186 17.21 -4.61 1.53
C ALA A 186 17.71 -4.72 0.08
N GLY A 187 17.19 -5.72 -0.63
CA GLY A 187 17.58 -5.90 -2.02
C GLY A 187 17.16 -4.74 -2.92
N ILE A 188 16.25 -3.87 -2.47
CA ILE A 188 15.86 -2.72 -3.32
C ILE A 188 16.75 -1.50 -3.01
N ILE A 189 17.74 -1.68 -2.13
CA ILE A 189 18.67 -0.57 -1.85
C ILE A 189 19.71 -0.69 -2.96
N LYS A 190 19.99 0.43 -3.64
CA LYS A 190 20.90 0.43 -4.78
C LYS A 190 22.09 1.35 -4.63
N ARG A 191 23.14 1.07 -5.40
CA ARG A 191 24.38 1.84 -5.32
C ARG A 191 24.21 3.35 -5.36
N GLY A 192 24.67 4.01 -4.31
CA GLY A 192 24.58 5.45 -4.22
C GLY A 192 23.18 6.02 -4.09
N ILE A 193 22.16 5.17 -4.09
CA ILE A 193 20.80 5.68 -4.00
C ILE A 193 20.34 5.82 -2.55
N PRO A 194 19.85 6.99 -2.16
CA PRO A 194 19.41 7.12 -0.76
C PRO A 194 18.26 6.19 -0.39
N VAL A 195 18.21 5.80 0.89
CA VAL A 195 17.14 4.93 1.39
C VAL A 195 16.54 5.56 2.65
N VAL A 196 15.22 5.58 2.72
CA VAL A 196 14.49 6.14 3.84
C VAL A 196 13.77 4.99 4.50
N THR A 197 13.93 4.84 5.82
CA THR A 197 13.27 3.72 6.48
C THR A 197 12.62 4.15 7.77
N GLY A 198 11.81 3.24 8.33
CA GLY A 198 11.20 3.48 9.61
C GLY A 198 12.27 3.17 10.64
N ASN A 199 11.95 3.21 11.93
CA ASN A 199 12.91 2.89 12.99
C ASN A 199 12.88 1.38 13.09
N LEU A 200 13.65 0.69 12.24
CA LEU A 200 13.65 -0.76 12.17
C LEU A 200 14.12 -1.52 13.41
N VAL A 201 13.52 -2.68 13.69
CA VAL A 201 13.97 -3.45 14.85
C VAL A 201 15.45 -3.79 14.61
N PRO A 202 16.22 -3.99 15.69
CA PRO A 202 17.65 -4.30 15.61
C PRO A 202 18.13 -5.25 14.52
N ASP A 203 17.50 -6.41 14.41
CA ASP A 203 17.95 -7.38 13.40
C ASP A 203 17.83 -6.82 11.99
N ALA A 204 16.75 -6.09 11.73
CA ALA A 204 16.52 -5.52 10.42
C ALA A 204 17.46 -4.34 10.20
N ALA A 205 17.65 -3.54 11.25
CA ALA A 205 18.53 -2.38 11.16
C ALA A 205 19.96 -2.79 10.85
N ALA A 206 20.40 -3.92 11.40
CA ALA A 206 21.76 -4.43 11.16
C ALA A 206 21.93 -4.81 9.69
N VAL A 207 20.92 -5.47 9.14
CA VAL A 207 20.95 -5.88 7.72
C VAL A 207 21.06 -4.65 6.84
N VAL A 208 20.26 -3.62 7.16
CA VAL A 208 20.26 -2.39 6.37
C VAL A 208 21.59 -1.63 6.54
N ALA A 209 22.10 -1.53 7.76
CA ALA A 209 23.36 -0.82 7.99
C ALA A 209 24.46 -1.47 7.15
N ALA A 210 24.51 -2.81 7.15
CA ALA A 210 25.51 -3.51 6.35
C ALA A 210 25.27 -3.26 4.86
N LYS A 211 24.00 -3.22 4.45
CA LYS A 211 23.71 -3.01 3.03
C LYS A 211 24.14 -1.61 2.57
N VAL A 212 23.78 -0.56 3.32
CA VAL A 212 24.15 0.78 2.88
C VAL A 212 25.66 1.02 2.94
N ALA A 213 26.35 0.24 3.76
CA ALA A 213 27.78 0.32 3.86
C ALA A 213 28.35 -0.10 2.50
N THR A 214 27.78 -1.15 1.93
CA THR A 214 28.29 -1.62 0.64
C THR A 214 27.80 -0.78 -0.53
N THR A 215 26.63 -0.17 -0.42
CA THR A 215 26.12 0.63 -1.54
C THR A 215 26.53 2.08 -1.44
N GLY A 216 26.95 2.50 -0.25
CA GLY A 216 27.33 3.88 -0.09
C GLY A 216 26.12 4.79 -0.08
N SER A 217 24.95 4.22 0.20
CA SER A 217 23.70 4.98 0.22
C SER A 217 23.53 5.82 1.48
N GLN A 218 22.96 7.01 1.31
CA GLN A 218 22.65 7.84 2.45
C GLN A 218 21.42 7.15 3.05
N TRP A 219 21.43 6.93 4.36
CA TRP A 219 20.33 6.28 5.05
C TRP A 219 19.63 7.25 6.00
N LEU A 220 18.36 7.58 5.74
CA LEU A 220 17.62 8.48 6.62
C LEU A 220 16.66 7.55 7.36
N ARG A 221 16.76 7.55 8.68
CA ARG A 221 15.94 6.66 9.51
C ARG A 221 14.99 7.36 10.49
N PHE A 222 13.75 6.87 10.52
CA PHE A 222 12.75 7.45 11.40
C PHE A 222 13.26 7.43 12.84
N ASP A 223 13.01 8.51 13.54
CA ASP A 223 13.46 8.66 14.92
C ASP A 223 14.96 8.81 15.11
N ARG A 224 15.64 9.15 14.03
CA ARG A 224 17.07 9.43 14.07
C ARG A 224 17.29 10.69 13.23
N ASP A 225 16.95 10.61 11.95
CA ASP A 225 17.10 11.72 11.01
C ASP A 225 15.85 12.57 10.80
N PHE A 226 14.69 11.98 11.07
CA PHE A 226 13.41 12.67 10.97
C PHE A 226 12.44 12.03 11.97
N SER A 227 11.43 12.78 12.39
CA SER A 227 10.49 12.24 13.39
C SER A 227 9.18 13.00 13.45
N VAL A 228 8.30 12.55 14.34
CA VAL A 228 7.01 13.21 14.54
C VAL A 228 6.95 13.54 16.03
N PRO A 229 7.51 14.70 16.42
CA PRO A 229 7.48 15.07 17.85
C PRO A 229 6.10 15.31 18.46
N LYS A 230 5.13 15.78 17.67
CA LYS A 230 3.77 16.01 18.17
C LYS A 230 2.77 15.30 17.27
N ALA A 231 1.69 14.76 17.86
CA ALA A 231 0.66 14.06 17.07
C ALA A 231 -0.55 13.74 17.94
N LYS A 232 -1.72 14.11 17.45
CA LYS A 232 -2.96 13.83 18.18
C LYS A 232 -4.12 13.58 17.24
N LEU A 233 -5.15 12.92 17.76
CA LEU A 233 -6.33 12.69 16.96
C LEU A 233 -6.97 14.06 16.75
N HIS A 234 -7.57 14.25 15.58
CA HIS A 234 -8.24 15.51 15.28
C HIS A 234 -9.29 15.19 14.24
N GLY A 235 -10.51 14.95 14.71
CA GLY A 235 -11.60 14.60 13.81
C GLY A 235 -11.33 13.19 13.35
N TRP A 236 -11.72 12.87 12.13
CA TRP A 236 -11.43 11.53 11.64
C TRP A 236 -10.08 11.62 10.94
N GLY A 237 -9.07 12.01 11.70
CA GLY A 237 -7.73 12.15 11.17
C GLY A 237 -6.76 12.49 12.29
N GLN A 238 -5.62 13.06 11.93
CA GLN A 238 -4.57 13.40 12.88
C GLN A 238 -3.91 14.71 12.54
N ARG A 239 -3.55 15.48 13.57
CA ARG A 239 -2.83 16.73 13.38
C ARG A 239 -1.46 16.42 13.98
N PHE A 240 -0.40 16.65 13.22
CA PHE A 240 0.93 16.30 13.71
C PHE A 240 2.00 17.24 13.20
N THR A 241 3.16 17.15 13.84
CA THR A 241 4.31 17.98 13.44
C THR A 241 5.41 17.07 12.94
N TYR A 242 6.02 17.44 11.80
CA TYR A 242 7.10 16.67 11.22
C TYR A 242 8.39 17.43 11.48
N GLU A 243 9.44 16.70 11.79
CA GLU A 243 10.72 17.34 12.01
C GLU A 243 11.84 16.58 11.33
N ASP A 244 12.77 17.30 10.73
CA ASP A 244 13.93 16.63 10.16
C ASP A 244 15.11 17.60 10.24
N GLN A 245 16.19 17.32 9.51
CA GLN A 245 17.36 18.18 9.57
C GLN A 245 17.07 19.63 9.22
N ASP A 246 15.99 19.89 8.48
CA ASP A 246 15.66 21.25 8.07
C ASP A 246 14.70 21.99 8.99
N GLY A 247 14.24 21.34 10.03
CA GLY A 247 13.34 22.00 10.94
C GLY A 247 12.04 21.27 11.07
N ARG A 248 10.99 22.01 11.42
CA ARG A 248 9.67 21.45 11.62
C ARG A 248 8.63 22.00 10.64
N ILE A 249 7.67 21.16 10.29
CA ILE A 249 6.55 21.59 9.48
C ILE A 249 5.45 21.33 10.49
N SER A 250 4.90 22.39 11.06
CA SER A 250 3.89 22.26 12.09
C SER A 250 2.43 22.07 11.73
N ASP A 251 1.75 21.32 12.58
CA ASP A 251 0.33 21.07 12.44
C ASP A 251 -0.17 20.63 11.07
N LEU A 252 0.50 19.63 10.52
CA LEU A 252 0.09 19.04 9.27
C LEU A 252 -1.15 18.23 9.65
N GLU A 253 -1.99 17.96 8.67
CA GLU A 253 -3.19 17.20 8.90
C GLU A 253 -3.36 16.14 7.84
N VAL A 254 -3.75 14.95 8.28
CA VAL A 254 -3.94 13.86 7.35
C VAL A 254 -5.20 13.11 7.79
N PRO A 255 -6.08 12.80 6.83
CA PRO A 255 -7.34 12.09 7.09
C PRO A 255 -7.09 10.60 7.32
N LEU A 256 -6.16 10.30 8.23
CA LEU A 256 -5.79 8.93 8.57
C LEU A 256 -5.61 8.76 10.07
N VAL A 257 -6.26 7.76 10.63
CA VAL A 257 -6.13 7.53 12.05
C VAL A 257 -5.20 6.35 12.19
N GLY A 258 -4.70 6.13 13.40
CA GLY A 258 -3.79 5.02 13.63
C GLY A 258 -2.39 5.54 13.91
N ASP A 259 -1.89 5.21 15.08
CA ASP A 259 -0.57 5.61 15.53
C ASP A 259 0.53 5.32 14.50
N TYR A 260 0.55 4.12 13.96
CA TYR A 260 1.57 3.72 13.00
C TYR A 260 1.58 4.57 11.73
N GLN A 261 0.47 5.24 11.45
CA GLN A 261 0.39 6.09 10.26
C GLN A 261 1.26 7.36 10.40
N GLN A 262 1.66 7.67 11.63
CA GLN A 262 2.52 8.82 11.89
C GLN A 262 3.88 8.49 11.24
N ARG A 263 4.37 7.28 11.50
CA ARG A 263 5.64 6.85 10.94
C ARG A 263 5.52 6.79 9.42
N ASN A 264 4.43 6.24 8.90
CA ASN A 264 4.28 6.13 7.45
C ASN A 264 4.24 7.49 6.75
N MET A 265 3.59 8.45 7.38
CA MET A 265 3.50 9.79 6.81
C MET A 265 4.86 10.50 6.92
N ALA A 266 5.57 10.28 8.02
CA ALA A 266 6.89 10.90 8.18
C ALA A 266 7.81 10.30 7.11
N ILE A 267 7.71 8.99 6.89
CA ILE A 267 8.53 8.35 5.88
C ILE A 267 8.20 8.98 4.52
N ALA A 268 6.91 9.18 4.26
CA ALA A 268 6.47 9.75 2.97
C ALA A 268 7.07 11.15 2.78
N ILE A 269 6.94 11.99 3.81
CA ILE A 269 7.45 13.37 3.76
C ILE A 269 8.95 13.39 3.49
N GLN A 270 9.74 12.64 4.26
CA GLN A 270 11.19 12.60 4.09
C GLN A 270 11.56 12.11 2.70
N THR A 271 10.88 11.08 2.22
CA THR A 271 11.14 10.51 0.89
C THR A 271 10.84 11.53 -0.21
N ALA A 272 9.71 12.24 -0.09
CA ALA A 272 9.39 13.26 -1.11
C ALA A 272 10.48 14.34 -1.11
N LYS A 273 10.93 14.75 0.08
CA LYS A 273 11.99 15.76 0.16
C LYS A 273 13.28 15.27 -0.47
N VAL A 274 13.63 14.00 -0.24
CA VAL A 274 14.85 13.44 -0.83
C VAL A 274 14.73 13.41 -2.36
N TYR A 275 13.59 12.93 -2.86
CA TYR A 275 13.34 12.88 -4.29
C TYR A 275 13.49 14.28 -4.92
N ALA A 276 12.83 15.27 -4.31
CA ALA A 276 12.89 16.65 -4.81
C ALA A 276 14.33 17.20 -4.81
N LYS A 277 15.08 16.96 -3.74
CA LYS A 277 16.46 17.42 -3.67
C LYS A 277 17.33 16.72 -4.74
N GLN A 278 17.17 15.40 -4.87
CA GLN A 278 17.96 14.67 -5.85
C GLN A 278 17.67 15.03 -7.30
N THR A 279 16.48 15.56 -7.57
CA THR A 279 16.12 15.92 -8.94
C THR A 279 16.07 17.43 -9.16
N GLU A 280 16.53 18.16 -8.17
CA GLU A 280 16.55 19.62 -8.24
C GLU A 280 15.16 20.13 -8.56
N TRP A 281 14.18 19.65 -7.81
CA TRP A 281 12.79 20.02 -7.99
C TRP A 281 12.30 20.76 -6.76
N PRO A 282 11.52 21.83 -6.94
CA PRO A 282 11.01 22.58 -5.80
C PRO A 282 9.94 21.79 -5.02
N LEU A 283 10.04 21.79 -3.70
CA LEU A 283 9.06 21.14 -2.83
C LEU A 283 8.94 22.01 -1.60
N THR A 284 7.74 22.56 -1.40
CA THR A 284 7.53 23.46 -0.28
C THR A 284 6.73 22.81 0.85
N PRO A 285 6.78 23.41 2.06
CA PRO A 285 6.03 22.86 3.20
C PRO A 285 4.54 22.92 2.81
N GLN A 286 4.20 23.94 2.04
CA GLN A 286 2.82 24.08 1.60
C GLN A 286 2.41 22.93 0.65
N ASN A 287 3.31 22.51 -0.23
CA ASN A 287 2.99 21.41 -1.14
C ASN A 287 2.70 20.16 -0.27
N ILE A 288 3.57 19.95 0.71
CA ILE A 288 3.45 18.81 1.62
C ILE A 288 2.15 18.85 2.41
N ARG A 289 1.85 20.01 2.98
CA ARG A 289 0.62 20.17 3.75
C ARG A 289 -0.57 19.87 2.85
N GLN A 290 -0.59 20.45 1.66
CA GLN A 290 -1.71 20.21 0.77
C GLN A 290 -1.85 18.77 0.33
N GLY A 291 -0.72 18.15 -0.02
CA GLY A 291 -0.77 16.76 -0.45
C GLY A 291 -1.33 15.88 0.65
N LEU A 292 -0.84 16.06 1.88
CA LEU A 292 -1.30 15.26 3.01
C LEU A 292 -2.79 15.46 3.31
N ALA A 293 -3.24 16.71 3.24
CA ALA A 293 -4.63 17.07 3.51
C ALA A 293 -5.57 16.55 2.44
N ALA A 294 -5.21 16.80 1.18
CA ALA A 294 -6.03 16.37 0.05
C ALA A 294 -5.99 14.87 -0.20
N SER A 295 -5.10 14.18 0.50
CA SER A 295 -4.97 12.74 0.34
C SER A 295 -6.16 11.99 0.92
N HIS A 296 -6.33 10.74 0.50
CA HIS A 296 -7.39 9.91 1.07
C HIS A 296 -7.09 8.42 1.00
N TRP A 297 -7.64 7.72 1.99
CA TRP A 297 -7.33 6.32 2.19
C TRP A 297 -8.53 5.41 2.32
N PRO A 298 -8.85 4.70 1.22
CA PRO A 298 -9.99 3.77 1.18
C PRO A 298 -9.76 2.45 1.92
N ALA A 299 -10.81 2.00 2.62
CA ALA A 299 -10.79 0.72 3.31
C ALA A 299 -9.83 0.58 4.48
N ARG A 300 -9.16 1.67 4.85
CA ARG A 300 -8.26 1.61 5.99
C ARG A 300 -8.79 2.59 7.03
N LEU A 301 -9.60 2.06 7.94
CA LEU A 301 -10.24 2.83 9.00
C LEU A 301 -11.03 3.98 8.40
N GLU A 302 -11.73 3.69 7.30
CA GLU A 302 -12.52 4.69 6.60
C GLU A 302 -13.97 4.74 7.02
N LYS A 303 -14.44 5.94 7.39
CA LYS A 303 -15.83 6.14 7.77
C LYS A 303 -16.66 6.37 6.51
N ILE A 304 -17.06 5.29 5.86
CA ILE A 304 -17.81 5.43 4.63
C ILE A 304 -19.24 6.00 4.76
N SER A 305 -19.71 6.20 5.98
CA SER A 305 -21.05 6.75 6.17
C SER A 305 -21.20 7.43 7.53
N ASP A 306 -22.06 8.43 7.58
CA ASP A 306 -22.30 9.20 8.79
C ASP A 306 -23.58 8.83 9.53
N THR A 307 -24.64 8.57 8.78
CA THR A 307 -25.92 8.22 9.36
C THR A 307 -26.59 7.17 8.48
N PRO A 308 -26.53 5.89 8.89
CA PRO A 308 -25.89 5.38 10.09
C PRO A 308 -24.39 5.53 9.98
N LEU A 309 -23.69 5.47 11.10
CA LEU A 309 -22.25 5.61 11.08
C LEU A 309 -21.59 4.27 10.82
N ILE A 310 -21.02 4.14 9.63
CA ILE A 310 -20.37 2.92 9.21
C ILE A 310 -18.93 3.18 8.85
N VAL A 311 -18.07 2.31 9.37
CA VAL A 311 -16.65 2.39 9.14
C VAL A 311 -16.17 1.04 8.63
N ILE A 312 -15.31 1.05 7.62
CA ILE A 312 -14.78 -0.20 7.14
C ILE A 312 -13.29 -0.17 7.35
N ASP A 313 -12.73 -1.30 7.72
CA ASP A 313 -11.31 -1.36 7.98
C ASP A 313 -10.73 -2.66 7.50
N GLY A 314 -9.50 -2.58 7.00
CA GLY A 314 -8.82 -3.76 6.53
C GLY A 314 -7.85 -4.26 7.58
N ALA A 315 -8.07 -3.87 8.84
CA ALA A 315 -7.21 -4.28 9.95
C ALA A 315 -7.00 -5.78 9.87
N HIS A 316 -5.77 -6.18 9.57
CA HIS A 316 -5.39 -7.57 9.40
C HIS A 316 -4.62 -8.14 10.60
N ASN A 317 -3.55 -7.45 10.99
CA ASN A 317 -2.72 -7.90 12.11
C ASN A 317 -3.07 -7.20 13.43
N PRO A 318 -2.46 -7.63 14.54
CA PRO A 318 -2.75 -6.99 15.82
C PRO A 318 -2.37 -5.51 15.83
N ASP A 319 -1.23 -5.18 15.24
CA ASP A 319 -0.78 -3.79 15.18
C ASP A 319 -1.89 -2.90 14.60
N GLY A 320 -2.53 -3.40 13.55
CA GLY A 320 -3.60 -2.66 12.91
C GLY A 320 -4.90 -2.69 13.69
N ILE A 321 -5.32 -3.89 14.10
CA ILE A 321 -6.56 -4.05 14.86
C ILE A 321 -6.48 -3.43 16.24
N ASN A 322 -5.33 -3.57 16.90
CA ASN A 322 -5.15 -2.99 18.22
C ASN A 322 -5.01 -1.49 18.06
N GLY A 323 -4.44 -1.07 16.93
CA GLY A 323 -4.32 0.36 16.67
C GLY A 323 -5.75 0.81 16.42
N LEU A 324 -6.54 -0.13 15.95
CA LEU A 324 -7.96 0.09 15.66
C LEU A 324 -8.70 0.14 17.00
N ILE A 325 -8.60 -0.96 17.75
CA ILE A 325 -9.25 -1.05 19.06
C ILE A 325 -8.91 0.20 19.86
N THR A 326 -7.62 0.56 19.84
CA THR A 326 -7.13 1.73 20.56
C THR A 326 -7.68 3.03 19.96
N ALA A 327 -7.82 3.05 18.64
CA ALA A 327 -8.34 4.23 17.95
C ALA A 327 -9.85 4.28 18.14
N LEU A 328 -10.47 3.11 18.12
CA LEU A 328 -11.91 3.01 18.29
C LEU A 328 -12.24 3.58 19.67
N LYS A 329 -11.52 3.11 20.69
CA LYS A 329 -11.72 3.57 22.05
C LYS A 329 -11.61 5.09 22.11
N GLN A 330 -10.54 5.62 21.53
CA GLN A 330 -10.33 7.06 21.50
C GLN A 330 -11.42 7.71 20.65
N LEU A 331 -11.69 7.12 19.48
CA LEU A 331 -12.71 7.67 18.59
C LEU A 331 -14.14 7.50 19.10
N PHE A 332 -14.42 6.38 19.77
CA PHE A 332 -15.76 6.15 20.31
C PHE A 332 -15.75 5.89 21.80
N SER A 333 -16.56 6.63 22.54
CA SER A 333 -16.65 6.44 23.99
C SER A 333 -17.97 5.69 24.28
N GLN A 334 -18.82 5.63 23.27
CA GLN A 334 -20.12 4.96 23.37
C GLN A 334 -20.15 3.59 22.67
N PRO A 335 -21.19 2.78 22.92
CA PRO A 335 -21.38 1.44 22.36
C PRO A 335 -21.37 1.35 20.82
N ILE A 336 -20.68 0.36 20.28
CA ILE A 336 -20.61 0.16 18.83
C ILE A 336 -20.74 -1.31 18.50
N THR A 337 -20.95 -1.60 17.23
CA THR A 337 -21.05 -2.97 16.75
C THR A 337 -19.83 -3.18 15.89
N VAL A 338 -19.19 -4.34 16.03
CA VAL A 338 -18.06 -4.69 15.21
C VAL A 338 -18.41 -5.95 14.46
N ILE A 339 -18.26 -5.91 13.13
CA ILE A 339 -18.50 -7.07 12.29
C ILE A 339 -17.09 -7.44 11.82
N ALA A 340 -16.57 -8.53 12.35
CA ALA A 340 -15.22 -8.96 12.03
C ALA A 340 -15.16 -10.24 11.22
N GLY A 341 -14.50 -10.17 10.05
CA GLY A 341 -14.40 -11.34 9.20
C GLY A 341 -12.96 -11.79 9.02
N ALA A 350 -6.11 -15.02 16.29
CA ALA A 350 -7.35 -14.84 17.04
C ALA A 350 -7.46 -13.44 17.64
N MET A 351 -7.33 -12.42 16.79
CA MET A 351 -7.44 -11.03 17.24
C MET A 351 -8.91 -10.78 17.59
N ALA A 352 -9.71 -11.83 17.51
CA ALA A 352 -11.13 -11.79 17.80
C ALA A 352 -11.36 -11.53 19.28
N ASP A 353 -10.63 -12.27 20.12
CA ASP A 353 -10.75 -12.14 21.57
C ASP A 353 -10.52 -10.73 22.06
N ARG A 354 -9.64 -10.01 21.36
CA ARG A 354 -9.33 -8.63 21.72
C ARG A 354 -10.48 -7.69 21.36
N LEU A 355 -11.36 -8.15 20.46
CA LEU A 355 -12.50 -7.36 20.03
C LEU A 355 -13.72 -7.56 20.92
N THR A 356 -14.04 -8.82 21.20
CA THR A 356 -15.19 -9.19 22.03
C THR A 356 -15.06 -8.66 23.46
N ALA A 357 -13.82 -8.47 23.90
CA ALA A 357 -13.59 -7.97 25.23
C ALA A 357 -13.58 -6.44 25.20
N ALA A 358 -13.35 -5.89 24.01
CA ALA A 358 -13.30 -4.44 23.84
C ALA A 358 -14.64 -3.81 23.49
N PHE A 359 -15.48 -4.55 22.75
CA PHE A 359 -16.76 -4.01 22.33
C PHE A 359 -18.00 -4.82 22.67
N SER A 360 -19.09 -4.11 22.87
CA SER A 360 -20.38 -4.69 23.23
C SER A 360 -20.90 -5.71 22.23
N THR A 361 -21.23 -5.25 21.03
CA THR A 361 -21.78 -6.14 20.01
C THR A 361 -20.69 -6.48 18.99
N VAL A 362 -20.31 -7.75 18.93
CA VAL A 362 -19.29 -8.18 18.00
C VAL A 362 -19.80 -9.37 17.19
N TYR A 363 -19.94 -9.17 15.89
CA TYR A 363 -20.41 -10.23 15.01
C TYR A 363 -19.21 -10.77 14.23
N LEU A 364 -19.19 -12.09 14.06
CA LEU A 364 -18.11 -12.77 13.35
C LEU A 364 -18.65 -13.38 12.08
N VAL A 365 -18.12 -12.97 10.93
CA VAL A 365 -18.60 -13.49 9.66
C VAL A 365 -17.46 -13.97 8.77
N PRO A 366 -17.80 -14.73 7.72
CA PRO A 366 -16.73 -15.19 6.83
C PRO A 366 -16.21 -14.11 5.89
N VAL A 367 -14.97 -14.29 5.44
CA VAL A 367 -14.36 -13.37 4.49
C VAL A 367 -14.95 -13.76 3.13
N PRO A 368 -15.72 -12.86 2.51
CA PRO A 368 -16.39 -13.01 1.21
C PRO A 368 -15.80 -13.96 0.16
N GLY A 369 -14.52 -13.78 -0.19
CA GLY A 369 -13.94 -14.64 -1.20
C GLY A 369 -12.99 -15.69 -0.67
N THR A 370 -13.44 -16.44 0.34
CA THR A 370 -12.62 -17.48 0.95
C THR A 370 -13.48 -18.64 1.40
N PRO A 371 -12.87 -19.82 1.61
CA PRO A 371 -13.61 -20.99 2.06
C PRO A 371 -13.97 -20.84 3.54
N ARG A 372 -15.22 -21.11 3.90
CA ARG A 372 -15.62 -21.03 5.29
C ARG A 372 -14.99 -22.23 6.02
N ALA A 373 -14.29 -21.98 7.12
CA ALA A 373 -13.64 -23.07 7.85
C ALA A 373 -14.24 -23.33 9.24
N LEU A 374 -14.17 -24.58 9.67
CA LEU A 374 -14.69 -24.99 10.96
C LEU A 374 -13.97 -24.34 12.14
N PRO A 375 -14.73 -23.95 13.19
CA PRO A 375 -14.14 -23.34 14.38
C PRO A 375 -13.32 -24.31 15.24
N GLU A 376 -12.10 -23.91 15.60
CA GLU A 376 -11.22 -24.72 16.41
C GLU A 376 -11.69 -24.71 17.87
N ALA A 377 -11.90 -25.89 18.44
CA ALA A 377 -12.35 -25.99 19.82
C ALA A 377 -11.47 -25.19 20.77
N ARG A 386 -23.38 -14.82 18.26
CA ARG A 386 -22.25 -13.96 17.90
C ARG A 386 -21.73 -14.26 16.49
N LEU A 387 -22.12 -15.40 15.94
CA LEU A 387 -21.69 -15.77 14.59
C LEU A 387 -22.80 -15.61 13.56
N LYS A 388 -22.49 -14.89 12.49
CA LYS A 388 -23.45 -14.67 11.40
C LYS A 388 -22.82 -15.27 10.14
N ASP A 389 -23.67 -15.60 9.17
CA ASP A 389 -23.20 -16.21 7.93
C ASP A 389 -22.64 -15.24 6.90
N SER A 390 -22.86 -13.94 7.11
CA SER A 390 -22.35 -12.93 6.18
C SER A 390 -22.39 -11.54 6.78
N TRP A 391 -21.55 -10.66 6.24
CA TRP A 391 -21.53 -9.30 6.72
C TRP A 391 -22.86 -8.61 6.46
N GLN A 392 -23.49 -8.91 5.34
CA GLN A 392 -24.78 -8.29 5.03
C GLN A 392 -25.83 -8.62 6.10
N GLU A 393 -25.84 -9.87 6.54
CA GLU A 393 -26.77 -10.32 7.58
C GLU A 393 -26.49 -9.61 8.89
N ALA A 394 -25.21 -9.50 9.23
CA ALA A 394 -24.81 -8.86 10.48
C ALA A 394 -25.14 -7.36 10.43
N LEU A 395 -24.82 -6.75 9.30
CA LEU A 395 -25.10 -5.33 9.14
C LEU A 395 -26.59 -5.05 9.28
N ALA A 396 -27.39 -5.87 8.61
CA ALA A 396 -28.84 -5.71 8.62
C ALA A 396 -29.38 -5.84 10.04
N ALA A 397 -28.87 -6.82 10.77
CA ALA A 397 -29.32 -7.07 12.12
C ALA A 397 -29.05 -5.88 13.03
N SER A 398 -27.81 -5.41 13.04
CA SER A 398 -27.43 -4.29 13.88
C SER A 398 -28.27 -3.05 13.53
N LEU A 399 -28.40 -2.77 12.24
CA LEU A 399 -29.18 -1.62 11.81
C LEU A 399 -30.66 -1.72 12.23
N ASN A 400 -31.20 -2.93 12.23
CA ASN A 400 -32.59 -3.13 12.63
C ASN A 400 -32.75 -3.03 14.16
N ASP A 401 -31.80 -3.61 14.88
CA ASP A 401 -31.88 -3.61 16.34
C ASP A 401 -31.54 -2.27 16.96
N VAL A 402 -30.41 -1.70 16.54
CA VAL A 402 -29.96 -0.41 17.07
C VAL A 402 -29.50 0.46 15.90
N PRO A 403 -30.47 1.04 15.14
CA PRO A 403 -30.19 1.88 13.98
C PRO A 403 -29.17 2.98 14.17
N ASP A 404 -29.08 3.54 15.38
CA ASP A 404 -28.12 4.59 15.61
C ASP A 404 -26.77 4.15 16.17
N GLN A 405 -26.60 2.86 16.41
CA GLN A 405 -25.32 2.36 16.93
C GLN A 405 -24.31 2.24 15.80
N PRO A 406 -23.10 2.81 15.97
CA PRO A 406 -22.05 2.76 14.95
C PRO A 406 -21.66 1.32 14.66
N ILE A 407 -21.32 1.06 13.40
CA ILE A 407 -20.91 -0.26 12.98
C ILE A 407 -19.55 -0.14 12.33
N VAL A 408 -18.60 -0.93 12.81
CA VAL A 408 -17.24 -0.95 12.29
C VAL A 408 -17.05 -2.30 11.65
N ILE A 409 -16.60 -2.33 10.42
CA ILE A 409 -16.36 -3.59 9.76
C ILE A 409 -14.85 -3.69 9.55
N THR A 410 -14.27 -4.77 10.03
CA THR A 410 -12.83 -4.95 9.93
C THR A 410 -12.41 -6.43 9.90
N GLY A 411 -11.09 -6.65 9.96
CA GLY A 411 -10.60 -8.01 9.95
C GLY A 411 -9.76 -8.32 8.74
N SER A 412 -10.33 -8.20 7.55
CA SER A 412 -9.60 -8.48 6.32
C SER A 412 -9.79 -7.38 5.28
N LEU A 413 -8.82 -7.22 4.40
CA LEU A 413 -8.91 -6.19 3.37
C LEU A 413 -9.95 -6.65 2.35
N TYR A 414 -10.03 -7.96 2.16
CA TYR A 414 -10.98 -8.52 1.23
C TYR A 414 -12.44 -8.22 1.65
N LEU A 415 -12.72 -8.33 2.94
CA LEU A 415 -14.07 -8.04 3.43
C LEU A 415 -14.31 -6.54 3.28
N ALA A 416 -13.35 -5.75 3.70
CA ALA A 416 -13.45 -4.29 3.63
C ALA A 416 -13.76 -3.87 2.20
N SER A 417 -13.01 -4.42 1.26
CA SER A 417 -13.19 -4.14 -0.16
C SER A 417 -14.59 -4.57 -0.64
N ALA A 418 -15.05 -5.73 -0.19
CA ALA A 418 -16.38 -6.21 -0.56
C ALA A 418 -17.46 -5.25 -0.09
N VAL A 419 -17.31 -4.77 1.14
CA VAL A 419 -18.30 -3.86 1.70
C VAL A 419 -18.27 -2.52 0.98
N ARG A 420 -17.07 -2.00 0.76
CA ARG A 420 -16.93 -0.71 0.07
C ARG A 420 -17.56 -0.73 -1.33
N GLN A 421 -17.27 -1.81 -2.08
CA GLN A 421 -17.80 -1.98 -3.41
C GLN A 421 -19.33 -1.94 -3.37
N THR A 422 -19.91 -2.61 -2.39
CA THR A 422 -21.36 -2.64 -2.27
C THR A 422 -21.97 -1.31 -1.80
N LEU A 423 -21.42 -0.75 -0.71
CA LEU A 423 -21.97 0.49 -0.15
C LEU A 423 -21.65 1.79 -0.87
N LEU A 424 -20.49 1.87 -1.51
CA LEU A 424 -20.12 3.08 -2.24
C LEU A 424 -20.25 2.92 -3.75
N GLY A 425 -20.45 1.69 -4.21
CA GLY A 425 -20.58 1.44 -5.63
C GLY A 425 -21.49 2.44 -6.31
#